data_9UDO
#
_entry.id   9UDO
#
_cell.length_a   136.770
_cell.length_b   34.950
_cell.length_c   46.210
_cell.angle_alpha   90.000
_cell.angle_beta   99.260
_cell.angle_gamma   90.000
#
_symmetry.space_group_name_H-M   'C 1 2 1'
#
loop_
_entity.id
_entity.type
_entity.pdbx_description
1 polymer 'Single-chain Fv antibody of F8'
2 non-polymer '6-[2-(3,5-dinitro-4-oxidanyl-phenyl)ethanoylamino]hexanoic acid'
3 water water
#
_entity_poly.entity_id   1
_entity_poly.type   'polypeptide(L)'
_entity_poly.pdbx_seq_one_letter_code
;GSQAVVTQESALTTSPGETVTLTCRSSTGAVTTSNYANWVQEKPDHLFTGLIGGTNNRAPGVPARFSGSLIGDKAALTIT
GAQTEDEAIYFCALWYSNRWVFGGGTKLTVLGGGGGSGGGGSGGGGSQVQLQQPGAELVKPGASVKLSCKASGYTFTSYW
MHWVKQRPGRGLEWIGRIDPNSGGTKYNEKFKSKATLTVDKPSSTAYMQLSSLTSEDSAVYYCARYRVYYAMDYWGQGTS
VTVSS
;
_entity_poly.pdbx_strand_id   A
#
loop_
_chem_comp.id
_chem_comp.type
_chem_comp.name
_chem_comp.formula
A1L81 non-polymer '6-[2-(3,5-dinitro-4-oxidanyl-phenyl)ethanoylamino]hexanoic acid' 'C14 H19 N3 O8 2'
#
# COMPACT_ATOMS: atom_id res chain seq x y z
N GLY A 1 14.12 7.32 -12.73
CA GLY A 1 13.19 7.83 -13.72
C GLY A 1 13.03 9.34 -13.67
N SER A 2 11.95 9.79 -13.03
CA SER A 2 11.64 11.21 -12.88
C SER A 2 11.66 11.57 -11.40
N GLN A 3 11.23 12.81 -11.10
CA GLN A 3 11.06 13.24 -9.73
C GLN A 3 9.58 13.47 -9.45
N ALA A 4 8.77 12.45 -9.73
CA ALA A 4 7.32 12.60 -9.65
C ALA A 4 6.85 12.64 -8.19
N VAL A 5 5.90 13.54 -7.92
CA VAL A 5 5.34 13.72 -6.60
C VAL A 5 3.83 13.55 -6.69
N VAL A 6 3.26 12.74 -5.82
CA VAL A 6 1.84 12.44 -5.83
C VAL A 6 1.19 13.18 -4.66
N THR A 7 0.13 13.92 -4.94
CA THR A 7 -0.46 14.83 -3.97
C THR A 7 -1.93 14.48 -3.73
N GLN A 8 -2.32 14.49 -2.46
CA GLN A 8 -3.70 14.30 -2.03
C GLN A 8 -4.10 15.42 -1.07
N GLU A 9 -5.40 15.59 -0.90
CA GLU A 9 -5.92 16.46 0.14
C GLU A 9 -5.37 16.03 1.50
N SER A 10 -4.88 16.99 2.30
N SER A 10 -4.90 16.99 2.28
CA SER A 10 -4.41 16.63 3.63
CA SER A 10 -4.41 16.70 3.64
C SER A 10 -5.55 16.10 4.49
C SER A 10 -5.54 16.12 4.49
N ALA A 11 -6.70 16.76 4.46
CA ALA A 11 -7.83 16.33 5.28
C ALA A 11 -9.13 16.68 4.60
N LEU A 12 -10.15 15.87 4.89
CA LEU A 12 -11.51 16.14 4.47
C LEU A 12 -12.43 15.79 5.63
N THR A 13 -13.51 16.55 5.79
CA THR A 13 -14.50 16.31 6.83
C THR A 13 -15.85 16.08 6.19
N THR A 14 -16.51 15.00 6.61
CA THR A 14 -17.82 14.66 6.09
C THR A 14 -18.71 14.21 7.25
N SER A 15 -19.94 13.86 6.92
CA SER A 15 -20.93 13.35 7.84
C SER A 15 -21.45 12.03 7.31
N PRO A 16 -21.98 11.16 8.18
CA PRO A 16 -22.58 9.92 7.68
C PRO A 16 -23.65 10.22 6.63
N GLY A 17 -23.58 9.48 5.52
CA GLY A 17 -24.56 9.61 4.46
C GLY A 17 -24.20 10.58 3.36
N GLU A 18 -23.10 11.31 3.48
CA GLU A 18 -22.71 12.24 2.43
C GLU A 18 -21.80 11.55 1.42
N THR A 19 -21.64 12.18 0.26
CA THR A 19 -20.78 11.70 -0.80
C THR A 19 -19.49 12.49 -0.77
N VAL A 20 -18.36 11.81 -0.58
CA VAL A 20 -17.05 12.46 -0.49
C VAL A 20 -16.15 11.89 -1.56
N THR A 21 -15.37 12.75 -2.19
CA THR A 21 -14.47 12.40 -3.29
C THR A 21 -13.05 12.75 -2.89
N LEU A 22 -12.19 11.75 -2.79
CA LEU A 22 -10.78 11.93 -2.54
C LEU A 22 -10.04 11.91 -3.88
N THR A 23 -9.12 12.83 -4.07
CA THR A 23 -8.42 12.93 -5.36
C THR A 23 -6.92 12.72 -5.20
N CYS A 24 -6.30 12.38 -6.33
CA CYS A 24 -4.90 11.98 -6.37
C CYS A 24 -4.27 12.63 -7.60
N ARG A 25 -3.33 13.55 -7.38
CA ARG A 25 -2.78 14.40 -8.43
C ARG A 25 -1.33 14.02 -8.73
N SER A 26 -0.95 14.11 -10.00
CA SER A 26 0.41 13.87 -10.44
C SER A 26 1.11 15.18 -10.78
N SER A 27 2.33 15.35 -10.28
CA SER A 27 3.11 16.56 -10.56
C SER A 27 3.61 16.62 -11.99
N THR A 28 3.51 15.53 -12.74
CA THR A 28 4.02 15.46 -14.10
C THR A 28 2.97 15.80 -15.16
N GLY A 29 1.72 15.96 -14.75
CA GLY A 29 0.64 16.19 -15.68
C GLY A 29 -0.63 15.52 -15.17
N ALA A 30 -1.45 15.05 -16.11
CA ALA A 30 -2.68 14.35 -15.76
C ALA A 30 -2.37 12.93 -15.32
N VAL A 31 -3.17 12.43 -14.38
CA VAL A 31 -3.18 11.00 -14.10
C VAL A 31 -3.87 10.29 -15.25
N THR A 32 -3.27 9.20 -15.72
CA THR A 32 -3.82 8.44 -16.83
C THR A 32 -4.11 7.02 -16.38
N THR A 33 -4.83 6.27 -17.22
CA THR A 33 -5.05 4.86 -16.92
C THR A 33 -3.75 4.08 -16.91
N SER A 34 -2.67 4.63 -17.48
CA SER A 34 -1.37 3.98 -17.41
CA SER A 34 -1.36 4.00 -17.41
C SER A 34 -0.69 4.17 -16.05
N ASN A 35 -1.28 4.96 -15.16
CA ASN A 35 -0.75 5.06 -13.81
C ASN A 35 -1.37 4.04 -12.86
N TYR A 36 -2.42 3.35 -13.32
CA TYR A 36 -3.04 2.23 -12.60
C TYR A 36 -3.25 2.58 -11.12
N ALA A 37 -3.90 3.72 -10.92
CA ALA A 37 -4.06 4.27 -9.57
C ALA A 37 -4.60 3.24 -8.59
N ASN A 38 -3.90 3.07 -7.48
CA ASN A 38 -4.35 2.24 -6.37
C ASN A 38 -4.77 3.11 -5.21
N TRP A 39 -5.70 2.60 -4.39
CA TRP A 39 -6.16 3.28 -3.19
C TRP A 39 -6.09 2.31 -2.03
N VAL A 40 -5.45 2.73 -0.94
CA VAL A 40 -5.23 1.88 0.23
C VAL A 40 -5.63 2.64 1.48
N GLN A 41 -6.39 1.98 2.35
CA GLN A 41 -6.92 2.55 3.58
C GLN A 41 -6.07 2.13 4.77
N GLU A 42 -5.73 3.08 5.63
CA GLU A 42 -5.00 2.80 6.87
C GLU A 42 -5.91 3.12 8.05
N LYS A 43 -6.27 2.09 8.79
CA LYS A 43 -7.06 2.22 10.01
C LYS A 43 -6.15 2.18 11.24
N PRO A 44 -6.64 2.62 12.40
CA PRO A 44 -5.78 2.68 13.60
C PRO A 44 -5.07 1.36 13.87
N ASP A 45 -3.92 1.47 14.55
CA ASP A 45 -2.98 0.38 14.75
C ASP A 45 -2.40 -0.12 13.43
N HIS A 46 -2.26 0.81 12.47
CA HIS A 46 -1.60 0.56 11.19
C HIS A 46 -2.11 -0.70 10.51
N LEU A 47 -3.44 -0.80 10.41
CA LEU A 47 -4.09 -1.83 9.61
C LEU A 47 -4.33 -1.25 8.21
N PHE A 48 -3.60 -1.78 7.23
CA PHE A 48 -3.73 -1.35 5.85
C PHE A 48 -4.59 -2.33 5.07
N THR A 49 -5.40 -1.80 4.16
N THR A 49 -5.44 -1.81 4.19
CA THR A 49 -6.30 -2.57 3.31
CA THR A 49 -6.16 -2.67 3.28
C THR A 49 -6.41 -1.89 1.95
C THR A 49 -6.39 -1.93 1.97
N GLY A 50 -6.21 -2.64 0.87
CA GLY A 50 -6.40 -2.08 -0.45
C GLY A 50 -7.88 -2.05 -0.80
N LEU A 51 -8.29 -0.95 -1.41
CA LEU A 51 -9.69 -0.74 -1.76
C LEU A 51 -9.92 -0.79 -3.27
N ILE A 52 -9.14 -0.01 -4.03
CA ILE A 52 -9.28 0.10 -5.48
C ILE A 52 -7.91 -0.08 -6.11
N GLY A 53 -7.89 -0.64 -7.31
CA GLY A 53 -6.65 -0.76 -8.06
C GLY A 53 -6.94 -0.67 -9.55
N GLY A 54 -5.90 -0.34 -10.31
CA GLY A 54 -6.07 -0.17 -11.75
C GLY A 54 -7.13 0.85 -12.09
N THR A 55 -7.10 2.00 -11.41
CA THR A 55 -8.05 3.10 -11.56
C THR A 55 -9.41 2.78 -10.96
N ASN A 56 -10.04 1.68 -11.39
CA ASN A 56 -11.43 1.44 -11.01
C ASN A 56 -11.74 0.02 -10.58
N ASN A 57 -10.75 -0.87 -10.49
CA ASN A 57 -11.04 -2.25 -10.16
C ASN A 57 -11.18 -2.41 -8.65
N ARG A 58 -12.18 -3.18 -8.23
CA ARG A 58 -12.53 -3.27 -6.82
C ARG A 58 -11.77 -4.44 -6.20
N ALA A 59 -11.02 -4.17 -5.14
CA ALA A 59 -10.40 -5.22 -4.35
C ALA A 59 -11.51 -6.12 -3.78
N PRO A 60 -11.19 -7.37 -3.42
CA PRO A 60 -12.25 -8.27 -2.99
C PRO A 60 -12.79 -7.89 -1.61
N GLY A 61 -14.09 -8.02 -1.45
CA GLY A 61 -14.75 -7.70 -0.21
C GLY A 61 -14.94 -6.23 0.08
N VAL A 62 -14.52 -5.34 -0.81
CA VAL A 62 -14.59 -3.90 -0.52
C VAL A 62 -16.03 -3.43 -0.67
N PRO A 63 -16.56 -2.65 0.27
CA PRO A 63 -18.00 -2.33 0.26
C PRO A 63 -18.42 -1.57 -0.99
N ALA A 64 -19.69 -1.71 -1.33
CA ALA A 64 -20.23 -1.14 -2.56
C ALA A 64 -20.13 0.38 -2.59
N ARG A 65 -20.02 1.03 -1.42
CA ARG A 65 -20.00 2.49 -1.38
C ARG A 65 -18.70 3.07 -1.92
N PHE A 66 -17.66 2.26 -2.05
CA PHE A 66 -16.38 2.72 -2.58
C PHE A 66 -16.32 2.51 -4.10
N SER A 67 -15.77 3.50 -4.80
CA SER A 67 -15.58 3.39 -6.24
C SER A 67 -14.43 4.29 -6.68
N GLY A 68 -13.74 3.86 -7.72
CA GLY A 68 -12.59 4.59 -8.24
C GLY A 68 -12.80 5.00 -9.68
N SER A 69 -12.17 6.10 -10.06
CA SER A 69 -12.35 6.66 -11.40
C SER A 69 -11.27 7.70 -11.64
N LEU A 70 -11.17 8.13 -12.89
CA LEU A 70 -10.46 9.35 -13.23
C LEU A 70 -11.48 10.48 -13.32
N ILE A 71 -11.23 11.58 -12.63
CA ILE A 71 -12.03 12.79 -12.75
C ILE A 71 -11.11 13.90 -13.23
N GLY A 72 -11.36 14.36 -14.45
CA GLY A 72 -10.46 15.32 -15.08
C GLY A 72 -9.05 14.78 -15.17
N ASP A 73 -8.11 15.48 -14.54
CA ASP A 73 -6.70 15.16 -14.61
C ASP A 73 -6.18 14.45 -13.37
N LYS A 74 -7.08 13.91 -12.54
CA LYS A 74 -6.70 13.25 -11.30
C LYS A 74 -7.42 11.91 -11.21
N ALA A 75 -6.85 11.03 -10.39
CA ALA A 75 -7.60 9.87 -9.94
C ALA A 75 -8.49 10.24 -8.77
N ALA A 76 -9.58 9.50 -8.60
CA ALA A 76 -10.55 9.81 -7.57
C ALA A 76 -11.07 8.54 -6.91
N LEU A 77 -11.19 8.58 -5.60
CA LEU A 77 -11.91 7.58 -4.83
C LEU A 77 -13.18 8.21 -4.27
N THR A 78 -14.34 7.65 -4.62
CA THR A 78 -15.62 8.19 -4.21
C THR A 78 -16.28 7.26 -3.20
N ILE A 79 -16.72 7.83 -2.09
CA ILE A 79 -17.51 7.12 -1.09
C ILE A 79 -18.92 7.69 -1.16
N THR A 80 -19.84 6.92 -1.71
CA THR A 80 -21.23 7.35 -1.85
C THR A 80 -21.98 6.87 -0.61
N GLY A 81 -22.10 7.76 0.38
CA GLY A 81 -22.71 7.41 1.66
C GLY A 81 -21.67 7.03 2.70
N ALA A 82 -20.90 8.02 3.15
CA ALA A 82 -19.84 7.75 4.12
C ALA A 82 -20.43 7.26 5.44
N GLN A 83 -19.65 6.43 6.13
CA GLN A 83 -20.03 5.83 7.39
C GLN A 83 -18.92 6.09 8.40
N THR A 84 -19.25 5.98 9.69
CA THR A 84 -18.26 6.34 10.71
C THR A 84 -17.03 5.44 10.64
N GLU A 85 -17.18 4.19 10.22
CA GLU A 85 -16.04 3.29 10.07
C GLU A 85 -15.12 3.69 8.93
N ASP A 86 -15.51 4.65 8.10
CA ASP A 86 -14.66 5.11 7.01
C ASP A 86 -13.68 6.19 7.44
N GLU A 87 -13.80 6.70 8.67
CA GLU A 87 -12.79 7.59 9.20
C GLU A 87 -11.45 6.86 9.29
N ALA A 88 -10.46 7.36 8.56
CA ALA A 88 -9.19 6.68 8.34
C ALA A 88 -8.33 7.58 7.46
N ILE A 89 -7.09 7.14 7.23
CA ILE A 89 -6.21 7.79 6.25
C ILE A 89 -6.24 6.98 4.97
N TYR A 90 -6.35 7.68 3.84
CA TYR A 90 -6.45 7.04 2.53
C TYR A 90 -5.25 7.43 1.69
N PHE A 91 -4.50 6.43 1.25
CA PHE A 91 -3.31 6.62 0.45
C PHE A 91 -3.60 6.23 -1.00
N CYS A 92 -3.08 7.03 -1.93
N CYS A 92 -3.11 7.04 -1.93
CA CYS A 92 -3.11 6.73 -3.35
CA CYS A 92 -3.14 6.67 -3.33
C CYS A 92 -1.71 6.39 -3.84
C CYS A 92 -1.72 6.36 -3.81
N ALA A 93 -1.62 5.41 -4.73
CA ALA A 93 -0.35 5.01 -5.30
C ALA A 93 -0.49 5.05 -6.82
N LEU A 94 0.48 5.69 -7.48
CA LEU A 94 0.51 5.83 -8.92
C LEU A 94 1.72 5.09 -9.48
N TRP A 95 1.55 4.45 -10.63
CA TRP A 95 2.64 3.74 -11.30
C TRP A 95 3.31 4.65 -12.32
N TYR A 96 4.61 4.86 -12.16
CA TYR A 96 5.39 5.72 -13.06
C TYR A 96 6.42 4.84 -13.78
N SER A 97 5.93 4.01 -14.72
CA SER A 97 6.75 3.23 -15.64
C SER A 97 7.60 2.15 -14.97
N ASN A 98 8.30 2.46 -13.88
CA ASN A 98 9.15 1.48 -13.22
C ASN A 98 9.03 1.49 -11.70
N ARG A 99 8.13 2.31 -11.13
CA ARG A 99 8.02 2.35 -9.69
C ARG A 99 6.63 2.83 -9.29
N TRP A 100 6.19 2.38 -8.12
CA TRP A 100 4.99 2.91 -7.48
C TRP A 100 5.36 4.07 -6.60
N VAL A 101 4.55 5.13 -6.63
CA VAL A 101 4.80 6.34 -5.85
C VAL A 101 3.55 6.65 -5.05
N PHE A 102 3.69 6.75 -3.73
CA PHE A 102 2.58 7.01 -2.83
C PHE A 102 2.39 8.50 -2.59
N GLY A 103 1.13 8.92 -2.55
CA GLY A 103 0.79 10.25 -2.07
C GLY A 103 0.94 10.32 -0.56
N GLY A 104 0.73 11.52 -0.03
CA GLY A 104 0.87 11.78 1.38
C GLY A 104 -0.26 11.32 2.26
N GLY A 105 -1.38 10.90 1.67
CA GLY A 105 -2.50 10.42 2.45
C GLY A 105 -3.53 11.50 2.78
N THR A 106 -4.81 11.14 2.70
CA THR A 106 -5.90 12.01 3.12
C THR A 106 -6.49 11.45 4.40
N LYS A 107 -6.52 12.27 5.45
CA LYS A 107 -7.16 11.89 6.70
C LYS A 107 -8.63 12.27 6.62
N LEU A 108 -9.49 11.27 6.50
CA LEU A 108 -10.92 11.49 6.41
C LEU A 108 -11.53 11.47 7.81
N THR A 109 -12.22 12.54 8.16
CA THR A 109 -12.94 12.64 9.41
C THR A 109 -14.44 12.52 9.13
N VAL A 110 -15.11 11.62 9.83
CA VAL A 110 -16.56 11.48 9.77
C VAL A 110 -17.10 11.93 11.12
N LEU A 111 -17.73 13.10 11.15
CA LEU A 111 -18.22 13.68 12.39
C LEU A 111 -19.66 13.28 12.66
N GLY A 112 -19.98 13.05 13.93
CA GLY A 112 -21.30 12.62 14.33
C GLY A 112 -21.48 11.13 14.24
N GLY A 113 -22.62 10.68 14.74
CA GLY A 113 -23.01 9.29 14.67
C GLY A 113 -23.90 9.03 13.46
N GLY A 114 -23.84 7.82 12.96
CA GLY A 114 -24.66 7.44 11.83
C GLY A 114 -24.78 5.94 11.73
N GLY A 115 -25.43 5.50 10.67
CA GLY A 115 -25.53 4.08 10.40
C GLY A 115 -24.67 3.66 9.23
N GLY A 116 -25.24 2.91 8.31
CA GLY A 116 -24.53 2.44 7.14
C GLY A 116 -24.56 0.93 7.04
N SER A 117 -23.77 0.43 6.10
CA SER A 117 -23.81 -0.98 5.70
C SER A 117 -22.66 -1.74 6.35
N GLY A 118 -22.99 -2.82 7.04
CA GLY A 118 -22.01 -3.60 7.78
C GLY A 118 -20.84 -4.12 6.96
N GLN A 128 -10.08 -17.51 3.29
CA GLN A 128 -9.80 -16.11 3.54
C GLN A 128 -8.29 -15.88 3.59
N VAL A 129 -7.85 -14.72 3.11
CA VAL A 129 -6.43 -14.43 2.92
C VAL A 129 -5.84 -13.84 4.19
N GLN A 130 -4.59 -14.21 4.47
CA GLN A 130 -3.85 -13.66 5.60
C GLN A 130 -2.37 -13.64 5.28
N LEU A 131 -1.69 -12.57 5.70
CA LEU A 131 -0.25 -12.42 5.55
C LEU A 131 0.34 -12.20 6.93
N GLN A 132 1.24 -13.07 7.37
CA GLN A 132 1.77 -13.04 8.72
C GLN A 132 3.21 -12.55 8.71
N GLN A 133 3.47 -11.51 9.50
CA GLN A 133 4.77 -10.87 9.62
C GLN A 133 5.17 -10.83 11.10
N PRO A 134 6.44 -11.10 11.41
CA PRO A 134 6.90 -10.91 12.79
C PRO A 134 6.66 -9.48 13.26
N GLY A 135 6.43 -9.34 14.57
CA GLY A 135 6.11 -8.03 15.11
C GLY A 135 7.28 -7.06 15.03
N ALA A 136 8.46 -7.51 15.42
CA ALA A 136 9.64 -6.65 15.40
C ALA A 136 10.88 -7.51 15.17
N GLU A 137 11.91 -6.87 14.64
CA GLU A 137 13.21 -7.52 14.45
C GLU A 137 14.29 -6.51 14.76
N LEU A 138 15.16 -6.85 15.72
CA LEU A 138 16.16 -5.93 16.23
C LEU A 138 17.52 -6.26 15.61
N VAL A 139 18.29 -5.22 15.32
CA VAL A 139 19.55 -5.38 14.59
C VAL A 139 20.47 -4.22 14.96
N LYS A 140 21.77 -4.49 14.95
CA LYS A 140 22.79 -3.48 15.16
C LYS A 140 23.38 -3.05 13.82
N PRO A 141 23.97 -1.84 13.75
CA PRO A 141 24.31 -1.27 12.44
C PRO A 141 25.37 -2.08 11.72
N GLY A 142 25.14 -2.27 10.41
CA GLY A 142 26.04 -3.03 9.57
C GLY A 142 25.58 -4.46 9.32
N ALA A 143 24.75 -5.02 10.19
CA ALA A 143 24.32 -6.40 10.06
C ALA A 143 23.26 -6.51 8.96
N SER A 144 22.59 -7.66 8.89
CA SER A 144 21.56 -7.91 7.90
C SER A 144 20.34 -8.51 8.57
N VAL A 145 19.16 -8.16 8.06
CA VAL A 145 17.90 -8.72 8.52
C VAL A 145 17.19 -9.36 7.34
N LYS A 146 16.60 -10.53 7.56
CA LYS A 146 15.73 -11.17 6.59
C LYS A 146 14.32 -11.17 7.15
N LEU A 147 13.38 -10.66 6.37
CA LEU A 147 12.00 -10.46 6.80
C LEU A 147 11.11 -11.51 6.15
N SER A 148 10.22 -12.10 6.94
CA SER A 148 9.34 -13.15 6.45
C SER A 148 7.91 -12.64 6.33
N CYS A 149 7.18 -13.22 5.39
CA CYS A 149 5.77 -12.87 5.15
C CYS A 149 5.06 -14.16 4.72
N LYS A 150 4.43 -14.83 5.68
CA LYS A 150 3.78 -16.11 5.41
C LYS A 150 2.39 -15.86 4.82
N ALA A 151 2.14 -16.44 3.65
CA ALA A 151 0.86 -16.29 2.96
C ALA A 151 -0.03 -17.50 3.23
N SER A 152 -1.32 -17.25 3.41
CA SER A 152 -2.28 -18.31 3.66
C SER A 152 -3.64 -17.89 3.12
N GLY A 153 -4.35 -18.86 2.53
CA GLY A 153 -5.72 -18.64 2.10
C GLY A 153 -5.91 -18.47 0.61
N TYR A 154 -4.84 -18.48 -0.18
CA TYR A 154 -4.96 -18.28 -1.62
C TYR A 154 -3.83 -19.04 -2.31
N THR A 155 -3.93 -19.13 -3.64
CA THR A 155 -2.88 -19.74 -4.44
C THR A 155 -1.69 -18.79 -4.49
N PHE A 156 -0.59 -19.19 -3.84
CA PHE A 156 0.53 -18.29 -3.61
C PHE A 156 1.10 -17.74 -4.91
N THR A 157 1.24 -18.57 -5.93
CA THR A 157 1.94 -18.19 -7.14
C THR A 157 1.09 -17.38 -8.10
N SER A 158 -0.22 -17.26 -7.87
CA SER A 158 -1.09 -16.50 -8.76
C SER A 158 -1.10 -15.01 -8.44
N TYR A 159 -0.33 -14.55 -7.47
CA TYR A 159 -0.37 -13.16 -7.04
C TYR A 159 1.03 -12.66 -6.74
N TRP A 160 1.33 -11.45 -7.22
CA TRP A 160 2.57 -10.76 -6.90
C TRP A 160 2.60 -10.36 -5.42
N MET A 161 3.81 -10.14 -4.91
CA MET A 161 4.05 -9.64 -3.55
C MET A 161 4.84 -8.34 -3.63
N HIS A 162 4.32 -7.33 -2.93
CA HIS A 162 5.04 -6.06 -2.83
C HIS A 162 5.54 -5.86 -1.42
N TRP A 163 6.59 -5.09 -1.26
CA TRP A 163 7.06 -4.66 0.05
C TRP A 163 7.09 -3.14 0.09
N VAL A 164 6.70 -2.59 1.24
CA VAL A 164 6.53 -1.15 1.42
C VAL A 164 7.22 -0.76 2.72
N LYS A 165 7.96 0.35 2.68
CA LYS A 165 8.62 0.88 3.87
C LYS A 165 7.88 2.12 4.36
N GLN A 166 7.68 2.19 5.67
CA GLN A 166 6.98 3.33 6.28
C GLN A 166 7.79 3.78 7.50
N ARG A 167 8.38 4.97 7.39
CA ARG A 167 8.93 5.63 8.57
C ARG A 167 7.77 6.33 9.26
N PRO A 168 7.40 5.89 10.46
CA PRO A 168 6.19 6.42 11.11
C PRO A 168 6.21 7.94 11.21
N GLY A 169 5.04 8.54 11.02
CA GLY A 169 4.94 9.97 10.86
C GLY A 169 5.32 10.48 9.49
N ARG A 170 5.99 9.66 8.68
CA ARG A 170 6.42 10.04 7.35
C ARG A 170 5.73 9.13 6.33
N GLY A 171 6.03 9.33 5.06
CA GLY A 171 5.26 8.72 4.00
C GLY A 171 5.52 7.23 3.84
N LEU A 172 5.00 6.70 2.74
CA LEU A 172 5.17 5.32 2.34
C LEU A 172 6.10 5.25 1.12
N GLU A 173 6.99 4.27 1.11
CA GLU A 173 7.88 4.06 -0.01
C GLU A 173 7.73 2.63 -0.51
N TRP A 174 7.52 2.48 -1.83
CA TRP A 174 7.46 1.17 -2.45
C TRP A 174 8.88 0.64 -2.62
N ILE A 175 9.09 -0.62 -2.25
CA ILE A 175 10.43 -1.19 -2.27
C ILE A 175 10.60 -2.01 -3.54
N GLY A 176 9.75 -2.99 -3.76
CA GLY A 176 9.85 -3.82 -4.94
C GLY A 176 8.77 -4.87 -4.96
N ARG A 177 8.78 -5.66 -6.04
CA ARG A 177 7.77 -6.69 -6.24
C ARG A 177 8.44 -7.97 -6.71
N ILE A 178 7.80 -9.10 -6.42
CA ILE A 178 8.23 -10.40 -6.93
C ILE A 178 7.00 -11.17 -7.40
N ASP A 179 7.15 -11.88 -8.52
CA ASP A 179 6.11 -12.78 -9.03
C ASP A 179 6.47 -14.19 -8.60
N PRO A 180 5.79 -14.76 -7.61
CA PRO A 180 6.18 -16.10 -7.11
C PRO A 180 6.17 -17.19 -8.16
N ASN A 181 5.31 -17.08 -9.18
CA ASN A 181 5.28 -18.09 -10.23
C ASN A 181 6.55 -18.13 -11.05
N SER A 182 7.32 -17.04 -11.09
CA SER A 182 8.52 -16.98 -11.91
C SER A 182 9.77 -16.54 -11.17
N GLY A 183 9.65 -15.93 -9.99
CA GLY A 183 10.79 -15.28 -9.38
C GLY A 183 11.19 -13.99 -10.03
N GLY A 184 10.50 -13.59 -11.11
CA GLY A 184 10.73 -12.30 -11.74
C GLY A 184 10.53 -11.17 -10.76
N THR A 185 11.56 -10.34 -10.59
CA THR A 185 11.52 -9.27 -9.62
C THR A 185 11.53 -7.91 -10.31
N LYS A 186 11.18 -6.89 -9.53
CA LYS A 186 11.23 -5.50 -9.93
C LYS A 186 11.43 -4.68 -8.69
N TYR A 187 12.46 -3.84 -8.68
CA TYR A 187 12.84 -3.07 -7.50
C TYR A 187 12.77 -1.59 -7.80
N ASN A 188 12.30 -0.83 -6.81
CA ASN A 188 12.52 0.61 -6.80
C ASN A 188 14.02 0.86 -6.84
N GLU A 189 14.44 1.78 -7.70
CA GLU A 189 15.87 2.09 -7.83
C GLU A 189 16.44 2.60 -6.51
N LYS A 190 15.58 3.16 -5.65
CA LYS A 190 16.01 3.60 -4.33
C LYS A 190 16.55 2.45 -3.48
N PHE A 191 16.10 1.22 -3.74
CA PHE A 191 16.46 0.08 -2.90
C PHE A 191 17.05 -1.08 -3.71
N LYS A 192 17.63 -0.81 -4.88
CA LYS A 192 17.90 -1.89 -5.83
C LYS A 192 18.97 -2.85 -5.32
N SER A 193 20.00 -2.34 -4.63
CA SER A 193 21.01 -3.20 -4.03
C SER A 193 20.86 -3.34 -2.52
N LYS A 194 19.95 -2.57 -1.92
CA LYS A 194 19.69 -2.65 -0.49
C LYS A 194 18.78 -3.80 -0.10
N ALA A 195 18.03 -4.36 -1.05
CA ALA A 195 17.01 -5.33 -0.71
C ALA A 195 16.91 -6.37 -1.81
N THR A 196 16.59 -7.60 -1.41
CA THR A 196 16.41 -8.72 -2.34
C THR A 196 15.14 -9.45 -1.95
N LEU A 197 14.29 -9.74 -2.92
CA LEU A 197 13.04 -10.45 -2.66
C LEU A 197 13.18 -11.91 -3.08
N THR A 198 12.74 -12.81 -2.20
CA THR A 198 12.80 -14.24 -2.43
C THR A 198 11.47 -14.85 -2.03
N VAL A 199 11.24 -16.08 -2.48
CA VAL A 199 9.98 -16.79 -2.23
C VAL A 199 10.29 -18.24 -1.92
N ASP A 200 9.59 -18.79 -0.94
CA ASP A 200 9.62 -20.23 -0.63
C ASP A 200 8.23 -20.77 -0.91
N LYS A 201 8.05 -21.36 -2.09
CA LYS A 201 6.74 -21.89 -2.46
C LYS A 201 6.25 -23.01 -1.55
N PRO A 202 7.11 -23.95 -1.06
CA PRO A 202 6.63 -24.94 -0.08
C PRO A 202 5.86 -24.32 1.08
N SER A 203 6.54 -23.53 1.89
CA SER A 203 5.92 -22.86 3.03
C SER A 203 5.09 -21.65 2.63
N SER A 204 4.92 -21.41 1.33
CA SER A 204 4.13 -20.28 0.82
C SER A 204 4.52 -18.98 1.51
N THR A 205 5.84 -18.72 1.56
CA THR A 205 6.38 -17.62 2.33
C THR A 205 7.26 -16.76 1.43
N ALA A 206 7.05 -15.45 1.49
CA ALA A 206 7.88 -14.49 0.78
C ALA A 206 8.84 -13.81 1.75
N TYR A 207 10.05 -13.53 1.30
CA TYR A 207 11.07 -12.97 2.17
C TYR A 207 11.69 -11.73 1.54
N MET A 208 12.24 -10.88 2.41
CA MET A 208 13.01 -9.71 2.02
C MET A 208 14.23 -9.60 2.90
N GLN A 209 15.41 -9.47 2.30
CA GLN A 209 16.66 -9.33 3.03
C GLN A 209 17.17 -7.90 2.87
N LEU A 210 17.50 -7.26 3.98
CA LEU A 210 18.00 -5.89 3.99
C LEU A 210 19.48 -5.94 4.38
N SER A 211 20.34 -6.02 3.38
CA SER A 211 21.77 -6.15 3.61
C SER A 211 22.35 -4.86 4.17
N SER A 212 23.30 -5.00 5.10
CA SER A 212 24.08 -3.88 5.65
C SER A 212 23.20 -2.70 6.05
N LEU A 213 22.52 -2.81 7.20
CA LEU A 213 21.53 -1.83 7.61
C LEU A 213 22.19 -0.54 8.09
N THR A 214 21.34 0.45 8.37
CA THR A 214 21.75 1.74 8.90
C THR A 214 20.62 2.29 9.75
N SER A 215 20.74 3.56 10.15
CA SER A 215 19.73 4.17 11.01
C SER A 215 18.46 4.55 10.24
N GLU A 216 18.60 4.90 8.95
CA GLU A 216 17.42 5.15 8.14
C GLU A 216 16.55 3.90 8.00
N ASP A 217 17.18 2.72 7.99
CA ASP A 217 16.46 1.47 7.79
C ASP A 217 15.50 1.15 8.93
N SER A 218 15.58 1.86 10.05
CA SER A 218 14.60 1.70 11.13
C SER A 218 13.25 2.21 10.64
N ALA A 219 12.35 1.28 10.35
CA ALA A 219 11.02 1.58 9.85
C ALA A 219 10.21 0.29 9.88
N VAL A 220 8.90 0.45 9.72
CA VAL A 220 8.01 -0.70 9.61
C VAL A 220 7.96 -1.14 8.15
N TYR A 221 8.08 -2.44 7.92
CA TYR A 221 8.12 -2.99 6.57
C TYR A 221 6.90 -3.88 6.37
N TYR A 222 6.07 -3.55 5.38
CA TYR A 222 4.87 -4.30 5.07
C TYR A 222 5.07 -5.12 3.81
N CYS A 223 4.48 -6.31 3.79
CA CYS A 223 4.26 -7.06 2.57
C CYS A 223 2.80 -6.92 2.17
N ALA A 224 2.55 -6.98 0.86
CA ALA A 224 1.20 -6.76 0.35
C ALA A 224 1.01 -7.55 -0.93
N ARG A 225 -0.05 -8.36 -0.96
CA ARG A 225 -0.39 -9.14 -2.14
C ARG A 225 -0.98 -8.25 -3.23
N TYR A 226 -0.66 -8.57 -4.48
CA TYR A 226 -1.08 -7.76 -5.61
C TYR A 226 -1.47 -8.66 -6.76
N ARG A 227 -2.68 -8.46 -7.27
CA ARG A 227 -3.10 -9.03 -8.54
C ARG A 227 -2.98 -7.95 -9.61
N VAL A 228 -2.23 -8.26 -10.66
CA VAL A 228 -1.93 -7.27 -11.69
C VAL A 228 -3.22 -6.73 -12.29
N TYR A 229 -3.23 -5.43 -12.60
CA TYR A 229 -4.38 -4.64 -13.05
C TYR A 229 -5.42 -4.45 -11.96
N TYR A 230 -5.18 -4.93 -10.74
CA TYR A 230 -6.15 -4.81 -9.67
C TYR A 230 -5.50 -4.11 -8.49
N ALA A 231 -5.80 -4.53 -7.26
CA ALA A 231 -5.42 -3.77 -6.09
C ALA A 231 -4.34 -4.48 -5.27
N MET A 232 -3.64 -3.68 -4.45
CA MET A 232 -2.80 -4.20 -3.39
CA MET A 232 -2.79 -4.22 -3.39
C MET A 232 -3.70 -4.51 -2.19
N ASP A 233 -4.50 -5.57 -2.33
CA ASP A 233 -5.59 -5.85 -1.42
C ASP A 233 -5.16 -6.17 0.00
N TYR A 234 -4.53 -7.33 0.22
CA TYR A 234 -4.22 -7.80 1.58
C TYR A 234 -2.82 -7.41 1.98
N TRP A 235 -2.68 -6.88 3.19
CA TRP A 235 -1.42 -6.40 3.73
C TRP A 235 -1.09 -7.14 5.02
N GLY A 236 0.19 -7.48 5.18
CA GLY A 236 0.67 -7.95 6.46
C GLY A 236 0.61 -6.84 7.50
N GLN A 237 0.75 -7.25 8.76
CA GLN A 237 0.70 -6.32 9.87
C GLN A 237 1.92 -5.40 9.95
N GLY A 238 2.99 -5.72 9.24
CA GLY A 238 4.19 -4.90 9.29
C GLY A 238 5.16 -5.34 10.37
N THR A 239 6.46 -5.34 10.06
CA THR A 239 7.50 -5.73 10.99
C THR A 239 8.33 -4.50 11.31
N SER A 240 8.32 -4.08 12.58
CA SER A 240 9.02 -2.88 13.01
C SER A 240 10.49 -3.22 13.23
N VAL A 241 11.32 -2.97 12.21
CA VAL A 241 12.75 -3.21 12.29
C VAL A 241 13.40 -2.01 12.95
N THR A 242 14.07 -2.23 14.08
CA THR A 242 14.77 -1.18 14.80
C THR A 242 16.27 -1.46 14.76
N VAL A 243 17.06 -0.40 14.70
CA VAL A 243 18.52 -0.49 14.65
C VAL A 243 19.08 0.09 15.94
N SER A 244 19.91 -0.70 16.61
CA SER A 244 20.48 -0.29 17.90
C SER A 244 21.30 0.99 17.73
N SER A 245 20.87 2.04 18.42
CA SER A 245 21.55 3.33 18.40
C SER A 245 21.05 4.21 19.53
C10 A1L81 B . 0.48 -2.76 -13.71
N12 A1L81 B . 0.54 -2.98 -15.08
C20 A1L81 B . 0.30 -4.51 -17.12
C21 A1L81 B . 1.69 -5.20 -16.94
C22 A1L81 B . 0.88 -7.64 -17.28
C01 A1L81 B . 4.58 -3.54 -11.71
C02 A1L81 B . 5.27 -3.83 -12.88
C03 A1L81 B . 4.70 -3.45 -14.09
C04 A1L81 B . 3.47 -2.79 -14.13
C05 A1L81 B . 2.77 -2.47 -12.95
C06 A1L81 B . 3.34 -2.87 -11.75
C09 A1L81 B . 1.46 -1.79 -13.01
C18 A1L81 B . -0.34 -3.93 -15.82
C19 A1L81 B . 1.66 -6.65 -16.42
C23 A1L81 B . 1.07 -9.13 -16.85
N08 A1L81 B . 5.10 -3.92 -10.36
N11 A1L81 B . 5.32 -3.71 -15.43
O07 A1L81 B . 6.49 -4.50 -12.87
O13 A1L81 B . 4.35 -3.86 -9.42
O14 A1L81 B . 6.26 -4.24 -10.28
O15 A1L81 B . 4.57 -4.19 -16.25
O16 A1L81 B . 6.47 -3.45 -15.62
O17 A1L81 B . -0.30 -3.38 -13.01
O24 A1L81 B . 0.13 -9.93 -17.10
O25 A1L81 B . 2.14 -9.43 -16.28
#